data_4WJI
#
_entry.id   4WJI
#
_cell.length_a   76.409
_cell.length_b   68.891
_cell.length_c   51.097
_cell.angle_alpha   90.000
_cell.angle_beta   94.340
_cell.angle_gamma   90.000
#
_symmetry.space_group_name_H-M   'C 1 2 1'
#
loop_
_entity.id
_entity.type
_entity.pdbx_description
1 polymer 'Putative cyclohexadienyl dehydrogenase and ADH prephenate dehydrogenase'
2 non-polymer 'NADP NICOTINAMIDE-ADENINE-DINUCLEOTIDE PHOSPHATE'
3 non-polymer TYROSINE
4 non-polymer 'MAGNESIUM ION'
5 non-polymer 'CHLORIDE ION'
6 water water
#
_entity_poly.entity_id   1
_entity_poly.type   'polypeptide(L)'
_entity_poly.pdbx_seq_one_letter_code
;AQQFQTIALIGIGLIGSSIARDIREKQLAGTIVVTTRSEATLKRAGELGLGDRYTLSAAEAVEGADLVVVSVPVGASGAV
AAEIAAHLKPGAIVTDVGSTKGSVIAQ(MSE)APHLPKDVHFVPGHPIAGTEHSGPDAGFAGLFRGRWCILTPPAGTDEE
AVARLRLFWETLGS(MSE)VDE(MSE)DPKHHDKVLAIVSHLPHIIAYNIVGTADDLETVTESEVIKYSASGFRDFTRLA
ASDPT(MSE)WRDVCLHNKDAILE(MSE)LARFSEDLASLQRAIRWGDGDKLFDLFTRTRAIRRSIVQAGQDT
;
_entity_poly.pdbx_strand_id   A
#
# COMPACT_ATOMS: atom_id res chain seq x y z
N ALA A 1 -20.72 2.63 -18.69
CA ALA A 1 -19.33 2.81 -18.13
C ALA A 1 -18.61 1.51 -17.72
N GLN A 2 -19.32 0.39 -17.74
CA GLN A 2 -18.78 -0.87 -17.22
C GLN A 2 -17.52 -1.39 -17.90
N GLN A 3 -16.51 -1.76 -17.10
CA GLN A 3 -15.27 -2.38 -17.57
C GLN A 3 -15.18 -3.86 -17.25
N PHE A 4 -15.93 -4.30 -16.23
CA PHE A 4 -15.92 -5.70 -15.83
C PHE A 4 -17.34 -6.07 -15.46
N GLN A 5 -17.80 -7.26 -15.84
CA GLN A 5 -19.17 -7.64 -15.47
C GLN A 5 -19.24 -7.88 -13.97
N THR A 6 -18.24 -8.57 -13.38
CA THR A 6 -18.25 -8.85 -11.96
C THR A 6 -16.84 -8.61 -11.40
N ILE A 7 -16.76 -7.79 -10.36
CA ILE A 7 -15.53 -7.53 -9.63
C ILE A 7 -15.69 -8.06 -8.21
N ALA A 8 -14.78 -8.95 -7.80
CA ALA A 8 -14.77 -9.47 -6.43
C ALA A 8 -13.65 -8.79 -5.65
N LEU A 9 -14.03 -8.22 -4.50
CA LEU A 9 -13.07 -7.52 -3.63
C LEU A 9 -12.85 -8.39 -2.44
N ILE A 10 -11.61 -8.89 -2.32
CA ILE A 10 -11.25 -9.72 -1.15
C ILE A 10 -10.43 -8.84 -0.21
N GLY A 11 -11.03 -8.47 0.92
CA GLY A 11 -10.46 -7.43 1.75
C GLY A 11 -11.17 -6.10 1.46
N ILE A 12 -11.64 -5.44 2.51
CA ILE A 12 -12.53 -4.30 2.37
C ILE A 12 -12.18 -3.25 3.44
N GLY A 13 -10.89 -3.09 3.70
CA GLY A 13 -10.43 -2.03 4.58
C GLY A 13 -10.21 -0.71 3.82
N LEU A 14 -9.16 0.04 4.20
CA LEU A 14 -8.94 1.33 3.56
C LEU A 14 -8.91 1.21 2.04
N ILE A 15 -8.04 0.34 1.56
CA ILE A 15 -7.83 0.26 0.10
C ILE A 15 -8.98 -0.42 -0.62
N GLY A 16 -9.34 -1.60 -0.13
CA GLY A 16 -10.47 -2.29 -0.76
C GLY A 16 -11.77 -1.49 -0.77
N SER A 17 -12.03 -0.80 0.33
CA SER A 17 -13.27 0.00 0.40
C SER A 17 -13.21 1.29 -0.43
N SER A 18 -12.01 1.84 -0.60
CA SER A 18 -11.82 2.99 -1.47
C SER A 18 -12.04 2.59 -2.92
N ILE A 19 -11.52 1.41 -3.28
CA ILE A 19 -11.76 0.85 -4.63
C ILE A 19 -13.26 0.60 -4.82
N ALA A 20 -13.91 0.02 -3.82
CA ALA A 20 -15.34 -0.22 -3.92
C ALA A 20 -16.14 1.08 -4.19
N ARG A 21 -15.79 2.14 -3.48
CA ARG A 21 -16.51 3.40 -3.62
C ARG A 21 -16.26 4.00 -5.01
N ASP A 22 -15.04 3.91 -5.51
CA ASP A 22 -14.74 4.40 -6.85
C ASP A 22 -15.46 3.61 -7.96
N ILE A 23 -15.50 2.28 -7.80
CA ILE A 23 -16.23 1.46 -8.76
C ILE A 23 -17.67 1.88 -8.80
N ARG A 24 -18.30 2.10 -7.65
CA ARG A 24 -19.70 2.54 -7.60
C ARG A 24 -19.88 3.94 -8.24
N GLU A 25 -19.02 4.86 -7.94
CA GLU A 25 -19.09 6.23 -8.47
C GLU A 25 -18.88 6.33 -9.98
N LYS A 26 -18.02 5.48 -10.53
CA LYS A 26 -17.71 5.46 -11.95
C LYS A 26 -18.47 4.40 -12.73
N GLN A 27 -19.34 3.63 -12.06
CA GLN A 27 -20.12 2.56 -12.66
C GLN A 27 -19.30 1.57 -13.43
N LEU A 28 -18.20 1.11 -12.82
CA LEU A 28 -17.26 0.29 -13.53
C LEU A 28 -17.56 -1.19 -13.53
N ALA A 29 -18.47 -1.63 -12.66
CA ALA A 29 -18.81 -3.06 -12.55
C ALA A 29 -20.29 -3.31 -12.75
N GLY A 30 -20.61 -4.42 -13.39
CA GLY A 30 -21.98 -4.88 -13.35
C GLY A 30 -22.41 -5.20 -11.92
N THR A 31 -21.59 -5.99 -11.24
CA THR A 31 -21.82 -6.47 -9.86
C THR A 31 -20.52 -6.33 -9.09
N ILE A 32 -20.64 -5.83 -7.87
CA ILE A 32 -19.53 -5.83 -6.93
C ILE A 32 -19.78 -6.88 -5.85
N VAL A 33 -18.83 -7.82 -5.70
CA VAL A 33 -18.93 -8.85 -4.67
C VAL A 33 -17.92 -8.50 -3.62
N VAL A 34 -18.35 -8.48 -2.35
CA VAL A 34 -17.46 -8.14 -1.23
C VAL A 34 -17.29 -9.35 -0.32
N THR A 35 -16.04 -9.62 0.00
CA THR A 35 -15.73 -10.61 1.02
C THR A 35 -14.64 -10.09 1.93
N THR A 36 -14.69 -10.53 3.19
CA THR A 36 -13.66 -10.23 4.17
C THR A 36 -13.73 -11.35 5.21
N ARG A 37 -12.69 -11.48 6.04
CA ARG A 37 -12.68 -12.66 6.87
C ARG A 37 -13.67 -12.59 8.03
N SER A 38 -13.90 -11.40 8.60
CA SER A 38 -14.76 -11.33 9.76
C SER A 38 -16.19 -10.91 9.50
N GLU A 39 -17.11 -11.45 10.35
CA GLU A 39 -18.52 -11.08 10.25
C GLU A 39 -18.68 -9.58 10.56
N ALA A 40 -17.90 -9.07 11.52
CA ALA A 40 -18.04 -7.67 11.91
C ALA A 40 -17.71 -6.73 10.74
N THR A 41 -16.61 -7.01 10.05
CA THR A 41 -16.25 -6.13 8.94
C THR A 41 -17.20 -6.30 7.78
N LEU A 42 -17.66 -7.52 7.56
CA LEU A 42 -18.61 -7.72 6.46
C LEU A 42 -19.93 -6.98 6.71
N LYS A 43 -20.40 -7.00 7.95
CA LYS A 43 -21.60 -6.27 8.32
C LYS A 43 -21.44 -4.77 8.09
N ARG A 44 -20.29 -4.23 8.48
CA ARG A 44 -20.03 -2.84 8.26
C ARG A 44 -20.06 -2.53 6.78
N ALA A 45 -19.40 -3.35 5.98
CA ALA A 45 -19.42 -3.12 4.53
C ALA A 45 -20.83 -3.13 4.00
N GLY A 46 -21.69 -3.99 4.55
CA GLY A 46 -23.10 -4.04 4.12
C GLY A 46 -23.89 -2.80 4.50
N GLU A 47 -23.67 -2.30 5.71
CA GLU A 47 -24.34 -1.08 6.17
C GLU A 47 -23.90 0.13 5.35
N LEU A 48 -22.63 0.12 4.92
CA LEU A 48 -22.09 1.19 4.07
C LEU A 48 -22.50 1.05 2.59
N GLY A 49 -23.10 -0.07 2.20
CA GLY A 49 -23.49 -0.31 0.82
C GLY A 49 -22.34 -0.47 -0.18
N LEU A 50 -21.25 -1.09 0.28
CA LEU A 50 -20.05 -1.18 -0.54
C LEU A 50 -20.14 -2.22 -1.65
N GLY A 51 -21.00 -3.21 -1.48
CA GLY A 51 -21.17 -4.28 -2.47
C GLY A 51 -22.59 -4.51 -2.88
N ASP A 52 -22.73 -5.40 -3.85
CA ASP A 52 -24.04 -5.89 -4.29
C ASP A 52 -24.30 -7.26 -3.72
N ARG A 53 -23.25 -8.06 -3.59
CA ARG A 53 -23.33 -9.38 -3.00
C ARG A 53 -22.24 -9.48 -1.95
N TYR A 54 -22.53 -10.17 -0.85
CA TYR A 54 -21.58 -10.30 0.23
C TYR A 54 -21.41 -11.74 0.67
N THR A 55 -20.21 -12.13 1.04
CA THR A 55 -19.98 -13.48 1.56
C THR A 55 -18.78 -13.54 2.42
N LEU A 56 -18.81 -14.47 3.38
CA LEU A 56 -17.65 -14.77 4.19
C LEU A 56 -16.62 -15.68 3.52
N SER A 57 -17.01 -16.29 2.40
CA SER A 57 -16.16 -17.21 1.71
C SER A 57 -15.51 -16.57 0.51
N ALA A 58 -14.18 -16.41 0.55
CA ALA A 58 -13.47 -15.93 -0.64
C ALA A 58 -13.63 -16.88 -1.84
N ALA A 59 -13.67 -18.19 -1.57
CA ALA A 59 -13.88 -19.16 -2.64
C ALA A 59 -15.21 -18.88 -3.35
N GLU A 60 -16.29 -18.70 -2.58
CA GLU A 60 -17.57 -18.36 -3.20
C GLU A 60 -17.54 -17.00 -3.92
N ALA A 61 -16.83 -16.04 -3.32
CA ALA A 61 -16.82 -14.68 -3.86
C ALA A 61 -16.29 -14.58 -5.28
N VAL A 62 -15.31 -15.42 -5.58
CA VAL A 62 -14.67 -15.35 -6.87
C VAL A 62 -15.39 -16.11 -7.97
N GLU A 63 -16.43 -16.86 -7.64
CA GLU A 63 -17.11 -17.69 -8.65
C GLU A 63 -17.69 -16.79 -9.76
N GLY A 64 -17.20 -16.94 -10.98
CA GLY A 64 -17.65 -16.11 -12.11
C GLY A 64 -17.12 -14.70 -12.19
N ALA A 65 -16.19 -14.34 -11.32
CA ALA A 65 -15.65 -12.98 -11.30
C ALA A 65 -14.62 -12.75 -12.41
N ASP A 66 -14.75 -11.63 -13.08
CA ASP A 66 -13.85 -11.24 -14.16
C ASP A 66 -12.58 -10.60 -13.62
N LEU A 67 -12.71 -9.84 -12.51
CA LEU A 67 -11.57 -9.20 -11.85
C LEU A 67 -11.70 -9.52 -10.34
N VAL A 68 -10.59 -9.99 -9.74
CA VAL A 68 -10.50 -10.26 -8.32
C VAL A 68 -9.39 -9.39 -7.76
N VAL A 69 -9.76 -8.50 -6.81
CA VAL A 69 -8.77 -7.59 -6.23
C VAL A 69 -8.55 -8.02 -4.78
N VAL A 70 -7.31 -8.37 -4.47
CA VAL A 70 -6.93 -8.83 -3.14
C VAL A 70 -6.28 -7.64 -2.39
N SER A 71 -6.90 -7.22 -1.29
CA SER A 71 -6.49 -6.04 -0.49
C SER A 71 -6.41 -6.41 0.99
N VAL A 72 -5.43 -7.26 1.30
CA VAL A 72 -5.19 -7.81 2.64
C VAL A 72 -3.72 -7.58 3.03
N PRO A 73 -3.37 -7.66 4.32
CA PRO A 73 -1.94 -7.53 4.67
C PRO A 73 -1.10 -8.56 3.90
N VAL A 74 0.11 -8.15 3.50
CA VAL A 74 0.81 -8.97 2.52
C VAL A 74 1.14 -10.37 2.96
N GLY A 75 1.25 -10.58 4.26
CA GLY A 75 1.52 -11.93 4.75
C GLY A 75 0.37 -12.90 4.59
N ALA A 76 -0.81 -12.39 4.25
CA ALA A 76 -2.02 -13.21 4.01
C ALA A 76 -2.24 -13.59 2.55
N SER A 77 -1.37 -13.08 1.68
CA SER A 77 -1.60 -13.23 0.26
C SER A 77 -1.66 -14.68 -0.20
N GLY A 78 -0.72 -15.48 0.29
CA GLY A 78 -0.69 -16.89 -0.10
C GLY A 78 -1.91 -17.64 0.32
N ALA A 79 -2.38 -17.39 1.54
CA ALA A 79 -3.56 -18.08 2.04
C ALA A 79 -4.78 -17.74 1.18
N VAL A 80 -4.90 -16.47 0.78
CA VAL A 80 -6.00 -16.11 -0.12
C VAL A 80 -5.91 -16.83 -1.45
N ALA A 81 -4.73 -16.85 -2.05
CA ALA A 81 -4.53 -17.48 -3.36
C ALA A 81 -4.90 -18.99 -3.23
N ALA A 82 -4.47 -19.64 -2.16
CA ALA A 82 -4.75 -21.04 -2.00
C ALA A 82 -6.27 -21.29 -1.89
N GLU A 83 -6.99 -20.40 -1.20
CA GLU A 83 -8.45 -20.61 -0.99
C GLU A 83 -9.22 -20.39 -2.28
N ILE A 84 -8.78 -19.43 -3.10
CA ILE A 84 -9.60 -19.08 -4.30
C ILE A 84 -9.24 -19.87 -5.57
N ALA A 85 -8.06 -20.51 -5.57
CA ALA A 85 -7.49 -21.02 -6.81
C ALA A 85 -8.46 -21.89 -7.63
N ALA A 86 -9.09 -22.84 -6.94
CA ALA A 86 -9.95 -23.83 -7.60
C ALA A 86 -11.28 -23.28 -8.09
N HIS A 87 -11.60 -22.06 -7.67
CA HIS A 87 -12.88 -21.44 -7.90
C HIS A 87 -12.87 -20.31 -8.91
N LEU A 88 -11.69 -19.96 -9.38
CA LEU A 88 -11.56 -18.92 -10.40
C LEU A 88 -11.99 -19.41 -11.78
N LYS A 89 -12.70 -18.58 -12.53
CA LYS A 89 -13.08 -19.01 -13.87
C LYS A 89 -11.91 -18.80 -14.84
N PRO A 90 -11.88 -19.57 -15.95
CA PRO A 90 -10.88 -19.32 -16.97
C PRO A 90 -10.89 -17.88 -17.44
N GLY A 91 -9.70 -17.29 -17.54
CA GLY A 91 -9.54 -15.91 -18.02
C GLY A 91 -9.80 -14.83 -16.98
N ALA A 92 -10.11 -15.23 -15.73
CA ALA A 92 -10.20 -14.24 -14.63
C ALA A 92 -8.86 -13.51 -14.51
N ILE A 93 -8.95 -12.24 -14.14
CA ILE A 93 -7.76 -11.45 -13.80
C ILE A 93 -7.71 -11.33 -12.28
N VAL A 94 -6.58 -11.75 -11.70
CA VAL A 94 -6.33 -11.64 -10.28
C VAL A 94 -5.28 -10.58 -10.06
N THR A 95 -5.59 -9.59 -9.21
CA THR A 95 -4.64 -8.52 -8.90
C THR A 95 -4.64 -8.30 -7.39
N ASP A 96 -3.67 -7.55 -6.94
CA ASP A 96 -3.56 -7.21 -5.57
C ASP A 96 -3.13 -5.78 -5.46
N VAL A 97 -3.06 -5.32 -4.25
CA VAL A 97 -2.65 -3.94 -3.97
C VAL A 97 -1.51 -3.84 -2.93
N GLY A 98 -0.87 -4.96 -2.63
CA GLY A 98 0.14 -5.04 -1.57
C GLY A 98 1.31 -4.07 -1.69
N SER A 99 1.80 -3.63 -0.53
CA SER A 99 2.89 -2.70 -0.43
C SER A 99 4.28 -3.27 -0.77
N THR A 100 4.36 -4.59 -0.83
CA THR A 100 5.47 -5.37 -1.34
C THR A 100 4.99 -6.17 -2.55
N LYS A 101 5.90 -6.52 -3.46
CA LYS A 101 5.48 -7.28 -4.66
C LYS A 101 6.21 -8.61 -4.84
N GLY A 102 7.52 -8.66 -4.59
CA GLY A 102 8.27 -9.91 -4.80
C GLY A 102 7.70 -11.03 -3.98
N SER A 103 7.41 -10.73 -2.72
CA SER A 103 6.85 -11.71 -1.80
C SER A 103 5.47 -12.15 -2.21
N VAL A 104 4.65 -11.19 -2.63
CA VAL A 104 3.29 -11.49 -2.99
C VAL A 104 3.28 -12.41 -4.21
N ILE A 105 4.10 -12.11 -5.21
CA ILE A 105 4.17 -12.97 -6.38
C ILE A 105 4.62 -14.40 -5.99
N ALA A 106 5.65 -14.50 -5.19
CA ALA A 106 6.14 -15.82 -4.78
C ALA A 106 5.13 -16.63 -4.00
N GLN A 107 4.34 -15.96 -3.18
CA GLN A 107 3.34 -16.61 -2.32
CA GLN A 107 3.41 -16.70 -2.36
C GLN A 107 2.10 -17.00 -3.08
N ALA A 109 1.59 -17.00 -6.84
CA ALA A 109 1.66 -17.64 -8.14
C ALA A 109 1.66 -19.17 -8.10
N PRO A 110 2.32 -19.81 -7.10
CA PRO A 110 2.29 -21.27 -7.12
C PRO A 110 0.90 -21.89 -6.97
N HIS A 111 -0.06 -21.14 -6.46
CA HIS A 111 -1.42 -21.63 -6.27
C HIS A 111 -2.31 -21.36 -7.44
N LEU A 112 -2.02 -20.31 -8.21
CA LEU A 112 -2.97 -19.85 -9.20
C LEU A 112 -2.86 -20.72 -10.47
N PRO A 113 -4.00 -21.08 -11.06
CA PRO A 113 -3.95 -21.93 -12.26
C PRO A 113 -3.42 -21.21 -13.53
N LYS A 114 -2.99 -21.99 -14.53
CA LYS A 114 -2.43 -21.47 -15.80
C LYS A 114 -3.45 -20.65 -16.59
N ASP A 115 -4.74 -20.91 -16.35
CA ASP A 115 -5.80 -20.24 -17.13
C ASP A 115 -6.25 -18.91 -16.58
N VAL A 116 -5.64 -18.43 -15.49
CA VAL A 116 -5.99 -17.10 -15.01
C VAL A 116 -4.81 -16.16 -15.20
N HIS A 117 -5.11 -14.87 -15.25
CA HIS A 117 -4.09 -13.85 -15.45
C HIS A 117 -3.75 -13.12 -14.14
N PHE A 118 -2.52 -13.19 -13.73
CA PHE A 118 -2.08 -12.61 -12.45
C PHE A 118 -1.32 -11.34 -12.75
N VAL A 119 -1.88 -10.19 -12.36
CA VAL A 119 -1.28 -8.88 -12.65
C VAL A 119 -1.17 -8.11 -11.35
N PRO A 120 -0.06 -8.23 -10.66
CA PRO A 120 0.12 -7.60 -9.35
C PRO A 120 0.15 -6.07 -9.47
N GLY A 121 -0.38 -5.38 -8.48
CA GLY A 121 -0.45 -3.95 -8.49
C GLY A 121 -0.09 -3.38 -7.13
N HIS A 122 0.15 -2.10 -7.16
CA HIS A 122 0.36 -1.32 -5.94
C HIS A 122 -0.07 0.13 -6.13
N PRO A 123 -1.21 0.56 -5.57
CA PRO A 123 -1.53 1.97 -5.63
C PRO A 123 -0.69 2.78 -4.60
N ILE A 124 -0.06 3.85 -5.09
CA ILE A 124 0.85 4.68 -4.27
C ILE A 124 0.00 5.78 -3.64
N ALA A 125 -0.86 5.37 -2.71
CA ALA A 125 -1.89 6.26 -2.18
C ALA A 125 -2.41 5.64 -0.90
N GLY A 126 -2.61 6.45 0.13
CA GLY A 126 -3.22 5.97 1.36
C GLY A 126 -3.29 7.02 2.43
N THR A 127 -3.80 6.61 3.59
CA THR A 127 -3.86 7.45 4.77
C THR A 127 -3.37 6.58 5.93
N GLU A 128 -3.34 7.11 7.14
CA GLU A 128 -2.98 6.30 8.30
C GLU A 128 -4.11 5.50 8.93
N HIS A 129 -5.30 5.63 8.34
CA HIS A 129 -6.49 4.98 8.91
C HIS A 129 -6.80 3.65 8.19
N SER A 130 -7.54 2.81 8.89
CA SER A 130 -7.83 1.44 8.43
C SER A 130 -9.30 1.10 8.56
N GLY A 131 -9.71 0.05 7.83
CA GLY A 131 -11.09 -0.47 7.88
C GLY A 131 -12.01 0.22 6.88
N PRO A 132 -13.23 -0.34 6.69
CA PRO A 132 -14.13 0.13 5.68
C PRO A 132 -14.62 1.53 5.86
N ASP A 133 -14.72 1.99 7.10
CA ASP A 133 -15.19 3.34 7.33
C ASP A 133 -14.13 4.39 6.99
N ALA A 134 -12.86 3.98 6.89
CA ALA A 134 -11.76 4.89 6.55
C ALA A 134 -11.67 5.22 5.05
N GLY A 135 -12.23 4.37 4.19
CA GLY A 135 -12.09 4.57 2.76
C GLY A 135 -12.99 5.70 2.25
N PHE A 136 -12.68 6.16 1.04
CA PHE A 136 -13.41 7.26 0.42
C PHE A 136 -13.17 7.26 -1.10
N ALA A 137 -14.15 7.77 -1.84
CA ALA A 137 -13.97 8.02 -3.25
C ALA A 137 -12.94 9.09 -3.49
N GLY A 138 -12.08 8.84 -4.45
CA GLY A 138 -11.10 9.84 -4.87
C GLY A 138 -9.72 9.66 -4.28
N LEU A 139 -9.49 8.57 -3.52
CA LEU A 139 -8.16 8.35 -2.92
C LEU A 139 -7.05 8.26 -3.96
N PHE A 140 -7.36 7.72 -5.12
CA PHE A 140 -6.37 7.43 -6.14
C PHE A 140 -6.17 8.52 -7.15
N ARG A 141 -6.95 9.60 -7.06
CA ARG A 141 -6.91 10.68 -8.08
C ARG A 141 -5.57 11.40 -7.99
N GLY A 142 -4.89 11.52 -9.12
CA GLY A 142 -3.61 12.19 -9.19
C GLY A 142 -2.45 11.46 -8.56
N ARG A 143 -2.64 10.19 -8.21
CA ARG A 143 -1.62 9.36 -7.64
C ARG A 143 -1.08 8.41 -8.72
N TRP A 144 0.06 7.79 -8.44
CA TRP A 144 0.62 6.75 -9.25
C TRP A 144 0.18 5.37 -8.76
N CYS A 145 0.12 4.43 -9.70
CA CYS A 145 -0.06 3.00 -9.39
C CYS A 145 0.98 2.23 -10.19
N ILE A 146 1.63 1.27 -9.54
CA ILE A 146 2.68 0.48 -10.17
C ILE A 146 2.15 -0.94 -10.38
N LEU A 147 2.22 -1.40 -11.61
CA LEU A 147 1.97 -2.80 -11.94
C LEU A 147 3.26 -3.56 -12.14
N THR A 148 3.29 -4.83 -11.72
CA THR A 148 4.54 -5.60 -11.83
C THR A 148 4.23 -7.00 -12.48
N PRO A 149 3.72 -7.01 -13.75
CA PRO A 149 3.40 -8.31 -14.37
C PRO A 149 4.62 -9.17 -14.60
N PRO A 150 4.57 -10.44 -14.20
CA PRO A 150 5.66 -11.34 -14.53
C PRO A 150 5.80 -11.50 -16.06
N ALA A 151 6.99 -11.88 -16.49
CA ALA A 151 7.27 -12.11 -17.89
C ALA A 151 6.26 -13.11 -18.46
N GLY A 152 5.73 -12.82 -19.64
CA GLY A 152 4.78 -13.70 -20.30
C GLY A 152 3.33 -13.50 -19.88
N THR A 153 3.07 -12.52 -19.01
CA THR A 153 1.67 -12.21 -18.65
C THR A 153 0.93 -11.68 -19.89
N ASP A 154 -0.32 -12.11 -20.04
CA ASP A 154 -1.25 -11.69 -21.10
C ASP A 154 -1.32 -10.17 -21.20
N GLU A 155 -1.01 -9.60 -22.37
CA GLU A 155 -0.88 -8.15 -22.48
C GLU A 155 -2.24 -7.49 -22.48
N GLU A 156 -3.28 -8.22 -22.85
CA GLU A 156 -4.62 -7.67 -22.79
C GLU A 156 -5.08 -7.55 -21.34
N ALA A 157 -4.76 -8.52 -20.51
CA ALA A 157 -5.06 -8.44 -19.08
C ALA A 157 -4.36 -7.22 -18.45
N VAL A 158 -3.09 -7.02 -18.79
CA VAL A 158 -2.34 -5.88 -18.25
C VAL A 158 -3.03 -4.57 -18.70
N ALA A 159 -3.37 -4.47 -19.98
CA ALA A 159 -4.05 -3.28 -20.50
C ALA A 159 -5.37 -3.03 -19.82
N ARG A 160 -6.15 -4.07 -19.51
CA ARG A 160 -7.41 -3.84 -18.80
C ARG A 160 -7.20 -3.31 -17.38
N LEU A 161 -6.17 -3.80 -16.72
CA LEU A 161 -5.84 -3.31 -15.37
C LEU A 161 -5.30 -1.88 -15.42
N ARG A 162 -4.49 -1.57 -16.43
CA ARG A 162 -4.02 -0.19 -16.63
C ARG A 162 -5.23 0.74 -16.83
N LEU A 163 -6.19 0.33 -17.66
CA LEU A 163 -7.34 1.17 -17.92
C LEU A 163 -8.15 1.36 -16.62
N PHE A 164 -8.27 0.30 -15.84
CA PHE A 164 -9.03 0.35 -14.59
C PHE A 164 -8.45 1.41 -13.62
N TRP A 165 -7.13 1.35 -13.45
CA TRP A 165 -6.46 2.32 -12.55
C TRP A 165 -6.49 3.72 -13.08
N GLU A 166 -6.35 3.87 -14.40
CA GLU A 166 -6.49 5.19 -15.00
C GLU A 166 -7.87 5.77 -14.77
N THR A 167 -8.88 4.92 -14.81
CA THR A 167 -10.27 5.36 -14.61
C THR A 167 -10.50 5.80 -13.17
N LEU A 168 -9.77 5.17 -12.25
CA LEU A 168 -9.80 5.60 -10.84
C LEU A 168 -8.99 6.88 -10.59
N GLY A 169 -8.34 7.41 -11.65
CA GLY A 169 -7.64 8.68 -11.61
C GLY A 169 -6.14 8.63 -11.47
N SER A 170 -5.59 7.42 -11.52
CA SER A 170 -4.16 7.23 -11.38
C SER A 170 -3.36 7.27 -12.68
N VAL A 172 -0.21 5.23 -14.35
CA VAL A 172 0.28 3.87 -14.21
C VAL A 172 1.68 3.66 -14.80
N ASP A 173 2.55 3.01 -14.05
CA ASP A 173 3.87 2.61 -14.50
C ASP A 173 4.00 1.11 -14.31
N GLU A 174 4.78 0.46 -15.15
CA GLU A 174 5.10 -0.96 -15.01
C GLU A 174 6.56 -1.13 -14.68
N ASP A 176 9.65 -4.22 -12.94
CA ASP A 176 10.00 -5.52 -12.39
C ASP A 176 9.75 -5.53 -10.87
N PRO A 177 9.32 -6.69 -10.33
CA PRO A 177 9.05 -6.70 -8.88
C PRO A 177 10.24 -6.39 -7.98
N LYS A 178 11.45 -6.87 -8.30
CA LYS A 178 12.60 -6.56 -7.47
C LYS A 178 12.91 -5.09 -7.48
N HIS A 179 12.80 -4.44 -8.63
CA HIS A 179 13.01 -2.99 -8.69
C HIS A 179 11.96 -2.25 -7.88
N HIS A 180 10.69 -2.67 -8.01
CA HIS A 180 9.62 -2.12 -7.14
C HIS A 180 10.00 -2.15 -5.68
N ASP A 181 10.46 -3.30 -5.21
CA ASP A 181 10.75 -3.49 -3.82
C ASP A 181 11.93 -2.62 -3.33
N LYS A 182 12.89 -2.34 -4.23
CA LYS A 182 13.99 -1.42 -3.89
C LYS A 182 13.47 0.02 -3.80
N VAL A 183 12.72 0.44 -4.80
CA VAL A 183 12.15 1.78 -4.85
C VAL A 183 11.27 2.02 -3.60
N LEU A 184 10.36 1.08 -3.31
CA LEU A 184 9.47 1.28 -2.17
C LEU A 184 10.20 1.21 -0.82
N ALA A 185 11.31 0.50 -0.77
CA ALA A 185 12.10 0.46 0.46
C ALA A 185 12.55 1.85 0.85
N ILE A 186 12.94 2.69 -0.11
CA ILE A 186 13.39 4.04 0.22
C ILE A 186 12.26 5.05 0.30
N VAL A 187 11.28 5.00 -0.63
CA VAL A 187 10.24 6.06 -0.64
CA VAL A 187 10.26 6.04 -0.68
C VAL A 187 9.12 5.80 0.36
N SER A 188 9.01 4.58 0.89
CA SER A 188 7.90 4.28 1.79
C SER A 188 8.30 3.52 3.04
N HIS A 189 9.01 2.39 2.88
CA HIS A 189 9.22 1.53 4.01
C HIS A 189 10.19 2.10 5.04
N LEU A 190 11.34 2.58 4.57
CA LEU A 190 12.27 3.25 5.47
C LEU A 190 11.63 4.44 6.16
N PRO A 191 10.92 5.33 5.40
CA PRO A 191 10.24 6.45 6.11
C PRO A 191 9.34 5.97 7.25
N HIS A 192 8.54 4.92 7.04
CA HIS A 192 7.68 4.44 8.13
C HIS A 192 8.49 3.88 9.32
N ILE A 193 9.50 3.06 9.02
CA ILE A 193 10.33 2.47 10.06
C ILE A 193 11.00 3.55 10.94
N ILE A 194 11.51 4.59 10.28
CA ILE A 194 12.16 5.68 10.98
C ILE A 194 11.15 6.45 11.83
N ALA A 195 9.94 6.68 11.30
CA ALA A 195 8.89 7.33 12.10
C ALA A 195 8.53 6.49 13.33
N TYR A 196 8.34 5.19 13.15
CA TYR A 196 8.06 4.32 14.33
C TYR A 196 9.21 4.44 15.34
N ASN A 197 10.44 4.50 14.84
CA ASN A 197 11.59 4.50 15.73
C ASN A 197 11.66 5.79 16.53
N ILE A 198 11.46 6.93 15.88
CA ILE A 198 11.54 8.18 16.64
C ILE A 198 10.41 8.32 17.65
N VAL A 199 9.20 7.87 17.30
CA VAL A 199 8.13 7.95 18.26
C VAL A 199 8.37 7.02 19.45
N GLY A 200 8.96 5.86 19.18
CA GLY A 200 9.34 4.96 20.27
C GLY A 200 10.40 5.57 21.20
N THR A 201 11.37 6.25 20.61
CA THR A 201 12.42 6.91 21.34
C THR A 201 11.85 7.93 22.36
N ALA A 202 10.95 8.78 21.87
CA ALA A 202 10.36 9.82 22.70
C ALA A 202 9.53 9.24 23.86
N ASP A 203 8.86 8.14 23.58
CA ASP A 203 8.01 7.43 24.54
C ASP A 203 8.82 6.90 25.73
N ASP A 204 10.06 6.56 25.48
CA ASP A 204 10.92 5.90 26.45
C ASP A 204 11.56 6.87 27.44
N LEU A 205 11.47 8.19 27.22
CA LEU A 205 12.19 9.16 28.05
C LEU A 205 11.49 9.33 29.37
N GLU A 206 12.27 9.66 30.39
CA GLU A 206 11.77 9.89 31.73
C GLU A 206 11.78 11.38 32.04
N THR A 207 12.88 12.06 31.67
CA THR A 207 13.08 13.50 31.91
C THR A 207 12.08 14.40 31.15
N VAL A 208 11.67 13.95 29.97
CA VAL A 208 10.69 14.68 29.20
C VAL A 208 9.43 13.85 29.32
N THR A 209 8.34 14.45 29.79
CA THR A 209 7.11 13.71 30.01
C THR A 209 6.32 13.55 28.73
N GLU A 210 5.42 12.54 28.76
CA GLU A 210 4.45 12.31 27.66
C GLU A 210 3.63 13.60 27.38
N SER A 211 3.19 14.25 28.44
CA SER A 211 2.45 15.49 28.32
C SER A 211 3.23 16.57 27.52
N GLU A 212 4.52 16.73 27.82
CA GLU A 212 5.36 17.67 27.06
C GLU A 212 5.46 17.30 25.58
N VAL A 213 5.68 16.04 25.29
CA VAL A 213 5.80 15.59 23.90
C VAL A 213 4.52 15.94 23.10
N ILE A 214 3.38 15.71 23.72
CA ILE A 214 2.11 15.94 23.08
C ILE A 214 1.89 17.43 22.89
N LYS A 215 2.03 18.20 23.98
CA LYS A 215 1.80 19.63 23.94
C LYS A 215 2.64 20.35 22.87
N TYR A 216 3.92 19.99 22.72
CA TYR A 216 4.85 20.73 21.89
C TYR A 216 5.12 20.06 20.57
N SER A 217 4.25 19.10 20.22
CA SER A 217 4.45 18.31 19.00
C SER A 217 4.40 19.08 17.67
N ALA A 218 3.82 20.29 17.67
CA ALA A 218 3.77 21.09 16.43
C ALA A 218 5.10 21.70 16.02
N SER A 219 6.18 21.38 16.75
CA SER A 219 7.53 21.80 16.37
C SER A 219 8.26 20.76 15.53
N GLY A 220 7.53 19.70 15.11
CA GLY A 220 8.07 18.74 14.13
C GLY A 220 7.68 17.30 14.36
N PHE A 221 7.49 16.93 15.62
CA PHE A 221 7.26 15.56 15.99
C PHE A 221 5.94 15.06 15.44
N ARG A 222 4.91 15.90 15.42
CA ARG A 222 3.61 15.47 14.99
C ARG A 222 3.60 14.80 13.59
N ASP A 223 4.42 15.31 12.65
CA ASP A 223 4.48 14.73 11.32
C ASP A 223 4.81 13.21 11.35
N PHE A 224 5.74 12.83 12.22
CA PHE A 224 6.18 11.45 12.33
C PHE A 224 5.11 10.59 13.05
N THR A 225 4.42 11.17 14.01
CA THR A 225 3.36 10.44 14.74
C THR A 225 2.24 9.98 13.80
N ARG A 226 1.94 10.74 12.74
CA ARG A 226 0.88 10.34 11.80
C ARG A 226 1.26 8.98 11.18
N LEU A 227 2.46 8.87 10.66
CA LEU A 227 2.87 7.60 10.03
CA LEU A 227 2.89 7.60 10.04
C LEU A 227 2.88 6.48 11.06
N ALA A 228 3.37 6.79 12.26
CA ALA A 228 3.47 5.77 13.34
C ALA A 228 2.13 5.43 14.00
N ALA A 229 1.04 5.96 13.46
CA ALA A 229 -0.32 5.55 13.84
C ALA A 229 -0.99 4.55 12.90
N SER A 230 -0.24 4.15 11.89
CA SER A 230 -0.73 3.24 10.88
C SER A 230 -0.98 1.84 11.50
N ASP A 231 -1.53 0.95 10.69
CA ASP A 231 -1.90 -0.35 11.18
C ASP A 231 -0.66 -1.24 11.47
N PRO A 232 -0.61 -1.83 12.67
CA PRO A 232 0.59 -2.59 13.00
C PRO A 232 0.74 -3.88 12.22
N THR A 233 -0.39 -4.53 11.88
CA THR A 233 -0.33 -5.76 11.09
C THR A 233 0.24 -5.48 9.70
N TRP A 235 2.20 -3.08 8.71
CA TRP A 235 3.62 -2.72 8.72
C TRP A 235 4.52 -3.82 9.24
N ARG A 236 4.07 -4.64 10.18
CA ARG A 236 4.76 -5.86 10.53
C ARG A 236 4.99 -6.67 9.25
N ASP A 237 3.91 -6.88 8.51
CA ASP A 237 4.05 -7.71 7.32
C ASP A 237 5.02 -7.13 6.26
N VAL A 238 4.98 -5.81 6.03
CA VAL A 238 5.94 -5.21 5.09
C VAL A 238 7.39 -5.48 5.52
N CYS A 239 7.68 -5.30 6.81
CA CYS A 239 9.04 -5.52 7.30
C CYS A 239 9.48 -6.98 7.16
N LEU A 240 8.54 -7.88 7.34
CA LEU A 240 8.82 -9.34 7.20
C LEU A 240 9.02 -9.75 5.74
N HIS A 241 8.34 -9.07 4.83
CA HIS A 241 8.29 -9.47 3.43
C HIS A 241 9.08 -8.61 2.45
N ASN A 242 9.67 -7.52 2.92
CA ASN A 242 10.65 -6.78 2.09
C ASN A 242 11.98 -6.64 2.80
N LYS A 243 12.36 -7.69 3.54
CA LYS A 243 13.50 -7.65 4.44
C LYS A 243 14.80 -7.17 3.77
N ASP A 244 15.20 -7.79 2.68
CA ASP A 244 16.52 -7.52 2.15
C ASP A 244 16.66 -6.06 1.67
N ALA A 245 15.65 -5.56 0.97
CA ALA A 245 15.71 -4.18 0.48
C ALA A 245 15.63 -3.17 1.61
N ILE A 246 14.81 -3.46 2.61
CA ILE A 246 14.74 -2.62 3.77
C ILE A 246 16.08 -2.55 4.50
N LEU A 247 16.70 -3.71 4.73
CA LEU A 247 17.98 -3.73 5.46
C LEU A 247 19.04 -2.96 4.69
N GLU A 248 19.04 -3.04 3.35
CA GLU A 248 20.00 -2.27 2.55
C GLU A 248 19.79 -0.76 2.79
N LEU A 250 18.25 0.72 5.37
CA LEU A 250 18.59 1.04 6.76
C LEU A 250 20.11 1.20 6.90
N ALA A 251 20.91 0.32 6.29
CA ALA A 251 22.37 0.47 6.41
C ALA A 251 22.86 1.78 5.78
N ARG A 252 22.34 2.16 4.62
CA ARG A 252 22.70 3.46 3.98
C ARG A 252 22.33 4.63 4.90
N PHE A 253 21.12 4.59 5.45
CA PHE A 253 20.61 5.62 6.35
C PHE A 253 21.50 5.75 7.59
N SER A 254 21.84 4.64 8.23
CA SER A 254 22.65 4.66 9.41
C SER A 254 24.08 5.10 9.19
N GLU A 255 24.65 4.78 8.04
CA GLU A 255 26.00 5.29 7.65
C GLU A 255 25.94 6.82 7.57
N ASP A 256 24.89 7.33 6.92
CA ASP A 256 24.73 8.78 6.72
C ASP A 256 24.47 9.48 8.05
N LEU A 257 23.69 8.85 8.95
CA LEU A 257 23.43 9.47 10.22
C LEU A 257 24.69 9.55 11.08
N ALA A 258 25.54 8.53 11.04
CA ALA A 258 26.86 8.62 11.75
C ALA A 258 27.67 9.80 11.32
N SER A 259 27.67 10.07 10.04
CA SER A 259 28.40 11.22 9.49
CA SER A 259 28.39 11.23 9.45
C SER A 259 27.77 12.55 9.92
N LEU A 260 26.46 12.64 9.90
CA LEU A 260 25.78 13.83 10.40
C LEU A 260 26.01 14.04 11.91
N GLN A 261 25.96 12.96 12.69
CA GLN A 261 26.24 13.02 14.10
C GLN A 261 27.66 13.56 14.34
N ARG A 262 28.63 13.13 13.52
CA ARG A 262 30.00 13.59 13.66
C ARG A 262 30.11 15.08 13.32
N ALA A 263 29.44 15.55 12.26
CA ALA A 263 29.39 17.00 11.95
C ALA A 263 28.80 17.82 13.12
N ILE A 264 27.77 17.30 13.79
CA ILE A 264 27.24 18.00 14.95
C ILE A 264 28.24 17.98 16.14
N ARG A 265 28.83 16.82 16.40
CA ARG A 265 29.85 16.69 17.43
C ARG A 265 31.01 17.65 17.25
N TRP A 266 31.43 17.87 15.98
CA TRP A 266 32.61 18.68 15.70
C TRP A 266 32.28 20.11 15.32
N GLY A 267 31.00 20.46 15.40
CA GLY A 267 30.59 21.80 15.05
C GLY A 267 30.90 22.22 13.62
N ASP A 268 30.73 21.30 12.67
CA ASP A 268 31.04 21.59 11.29
C ASP A 268 29.84 22.24 10.60
N GLY A 269 29.70 23.54 10.84
CA GLY A 269 28.55 24.28 10.35
C GLY A 269 28.46 24.27 8.84
N ASP A 270 29.62 24.30 8.15
CA ASP A 270 29.59 24.36 6.70
C ASP A 270 29.04 23.04 6.11
N LYS A 271 29.43 21.90 6.68
CA LYS A 271 28.91 20.58 6.26
C LYS A 271 27.38 20.50 6.48
N LEU A 272 26.95 20.98 7.65
CA LEU A 272 25.52 20.98 7.97
C LEU A 272 24.75 21.85 6.99
N PHE A 273 25.24 23.05 6.74
CA PHE A 273 24.61 23.95 5.78
C PHE A 273 24.49 23.32 4.37
N ASP A 274 25.56 22.68 3.91
CA ASP A 274 25.57 22.02 2.62
C ASP A 274 24.52 20.87 2.54
N LEU A 275 24.44 20.03 3.58
CA LEU A 275 23.43 18.96 3.58
C LEU A 275 22.03 19.57 3.53
N PHE A 276 21.79 20.55 4.37
CA PHE A 276 20.45 21.11 4.50
C PHE A 276 20.03 21.90 3.25
N THR A 277 21.00 22.45 2.54
CA THR A 277 20.74 23.08 1.23
C THR A 277 20.35 22.05 0.17
N ARG A 278 21.09 20.93 0.15
CA ARG A 278 20.96 19.91 -0.90
C ARG A 278 19.55 19.29 -0.85
N THR A 279 19.03 19.08 0.35
CA THR A 279 17.73 18.45 0.48
C THR A 279 16.53 19.27 0.00
N ARG A 280 16.66 20.58 -0.11
CA ARG A 280 15.56 21.43 -0.54
C ARG A 280 15.09 21.14 -1.96
N ALA A 281 16.01 20.76 -2.81
CA ALA A 281 15.70 20.55 -4.20
C ALA A 281 14.63 19.48 -4.41
N ILE A 282 14.72 18.41 -3.64
CA ILE A 282 13.79 17.31 -3.75
C ILE A 282 12.38 17.81 -3.44
N ARG A 283 12.24 18.62 -2.40
CA ARG A 283 10.92 19.12 -2.03
C ARG A 283 10.34 19.97 -3.15
N ARG A 284 11.18 20.83 -3.71
CA ARG A 284 10.71 21.69 -4.76
C ARG A 284 10.22 20.89 -5.99
N SER A 285 10.87 19.75 -6.28
CA SER A 285 10.42 18.89 -7.37
C SER A 285 9.09 18.22 -7.08
N ILE A 286 8.91 17.79 -5.82
CA ILE A 286 7.65 17.20 -5.41
C ILE A 286 6.50 18.19 -5.51
N VAL A 287 6.76 19.42 -5.08
CA VAL A 287 5.76 20.49 -5.16
C VAL A 287 5.43 20.78 -6.62
N GLN A 288 6.44 20.88 -7.46
CA GLN A 288 6.17 21.23 -8.85
C GLN A 288 5.36 20.12 -9.53
N ALA A 289 5.63 18.86 -9.14
CA ALA A 289 4.92 17.66 -9.64
C ALA A 289 3.50 17.54 -9.10
N GLY A 290 3.18 18.31 -8.07
CA GLY A 290 1.86 18.20 -7.46
C GLY A 290 1.69 16.97 -6.59
N GLN A 291 2.78 16.42 -6.10
CA GLN A 291 2.69 15.25 -5.21
C GLN A 291 2.71 15.60 -3.75
N ASP A 292 2.82 16.88 -3.41
CA ASP A 292 2.78 17.30 -2.01
C ASP A 292 1.39 17.22 -1.45
N THR A 293 1.30 17.09 -0.15
CA THR A 293 0.02 16.86 0.48
C THR A 293 -0.90 18.07 0.29
#